data_6A57
#
_entry.id   6A57
#
_cell.length_a   96.087
_cell.length_b   96.087
_cell.length_c   73.905
_cell.angle_alpha   90.00
_cell.angle_beta   90.00
_cell.angle_gamma   120.00
#
_symmetry.space_group_name_H-M   'P 32 2 1'
#
loop_
_entity.id
_entity.type
_entity.pdbx_description
1 polymer 'Lysine-specific demethylase REF6'
2 polymer "DNA (5'-D(*CP*TP*TP*TP*CP*TP*CP*TP*GP*TP*TP*TP*TP*GP*TP*C)-3')"
3 polymer "DNA (5'-D(*GP*GP*AP*CP*AP*AP*AP*AP*CP*AP*GP*AP*GP*AP*AP*A)-3')"
4 non-polymer 'ZINC ION'
5 non-polymer GLYCEROL
6 water water
#
loop_
_entity_poly.entity_id
_entity_poly.type
_entity_poly.pdbx_seq_one_letter_code
_entity_poly.pdbx_strand_id
1 'polypeptide(L)'
;GSVEEKEEEEEEEENEEEECAAYQCNMEGCTMSFSSEKQLMLHKRNICPIKGCGKNFFSHKYLVQHQRVHSDDRPLKCPW
KGCKMTFKWAWSRTEHIRVHTGARPYVCAEPDCGQTFRFVSDFSRHKRKTGHSVKKTNKR
;
A
2 'polydeoxyribonucleotide' (DC)(DT)(DT)(DT)(DC)(DT)(DC)(DT)(DG)(DT)(DT)(DT)(DT)(DG)(DT)(DC) B
3 'polydeoxyribonucleotide' (DG)(DG)(DA)(DC)(DA)(DA)(DA)(DA)(DC)(DA)(DG)(DA)(DG)(DA)(DA)(DA) C
#
loop_
_chem_comp.id
_chem_comp.type
_chem_comp.name
_chem_comp.formula
DA DNA linking 2'-DEOXYADENOSINE-5'-MONOPHOSPHATE 'C10 H14 N5 O6 P'
DC DNA linking 2'-DEOXYCYTIDINE-5'-MONOPHOSPHATE 'C9 H14 N3 O7 P'
DG DNA linking 2'-DEOXYGUANOSINE-5'-MONOPHOSPHATE 'C10 H14 N5 O7 P'
DT DNA linking THYMIDINE-5'-MONOPHOSPHATE 'C10 H15 N2 O8 P'
GOL non-polymer GLYCEROL 'C3 H8 O3'
ZN non-polymer 'ZINC ION' 'Zn 2'
#
# COMPACT_ATOMS: atom_id res chain seq x y z
N GLU A 5 12.38 -31.83 19.16
CA GLU A 5 11.19 -31.49 18.33
C GLU A 5 11.25 -30.09 17.69
N LYS A 6 11.86 -29.12 18.38
CA LYS A 6 12.03 -27.75 17.86
C LYS A 6 13.12 -27.71 16.77
N GLU A 7 12.76 -27.19 15.59
CA GLU A 7 13.66 -27.16 14.43
C GLU A 7 13.42 -25.93 13.54
N GLU A 8 14.13 -25.86 12.41
CA GLU A 8 14.03 -24.74 11.47
C GLU A 8 12.68 -24.67 10.72
N GLU A 9 12.07 -25.82 10.46
CA GLU A 9 10.98 -25.94 9.46
C GLU A 9 9.86 -26.92 9.86
N GLU A 10 8.82 -26.96 9.02
CA GLU A 10 7.75 -27.96 9.11
C GLU A 10 7.71 -28.83 7.85
N GLU A 11 8.88 -29.34 7.44
CA GLU A 11 9.01 -30.28 6.30
C GLU A 11 9.05 -31.73 6.78
N GLU A 12 9.80 -32.00 7.85
CA GLU A 12 9.72 -33.30 8.55
C GLU A 12 8.40 -33.37 9.30
N GLU A 13 7.70 -34.50 9.15
CA GLU A 13 6.27 -34.58 9.53
C GLU A 13 6.08 -34.86 11.02
N GLU A 14 5.07 -34.22 11.61
CA GLU A 14 4.60 -34.55 12.96
C GLU A 14 3.47 -35.57 12.87
N ASN A 15 3.01 -36.03 14.04
CA ASN A 15 1.87 -36.96 14.10
C ASN A 15 0.56 -36.14 14.19
N GLU A 16 0.16 -35.57 13.05
CA GLU A 16 -1.01 -34.68 12.96
C GLU A 16 -2.00 -35.13 11.84
N GLU A 17 -1.86 -34.60 10.62
CA GLU A 17 -2.78 -34.91 9.51
C GLU A 17 -2.40 -34.25 8.18
N GLU A 18 -1.75 -35.02 7.29
CA GLU A 18 -1.48 -34.62 5.90
C GLU A 18 -0.65 -33.32 5.76
N GLU A 19 0.60 -33.37 6.20
CA GLU A 19 1.49 -32.19 6.21
C GLU A 19 2.57 -32.25 5.12
N CYS A 20 2.87 -31.10 4.53
CA CYS A 20 4.01 -30.92 3.62
C CYS A 20 4.20 -29.44 3.27
N ALA A 21 4.31 -28.61 4.32
CA ALA A 21 4.26 -27.14 4.21
C ALA A 21 2.87 -26.68 3.70
N ALA A 22 2.80 -25.57 2.97
CA ALA A 22 1.58 -25.17 2.25
C ALA A 22 1.96 -24.40 0.99
N TYR A 23 0.97 -23.94 0.22
CA TYR A 23 1.25 -23.20 -1.01
C TYR A 23 0.15 -22.19 -1.43
N GLN A 24 -0.83 -22.61 -2.22
CA GLN A 24 -1.68 -21.68 -2.98
C GLN A 24 -2.84 -21.11 -2.17
N CYS A 25 -3.28 -19.91 -2.55
CA CYS A 25 -4.47 -19.25 -1.99
C CYS A 25 -5.61 -19.23 -3.01
N ASN A 26 -6.77 -18.77 -2.58
CA ASN A 26 -7.98 -18.73 -3.43
C ASN A 26 -8.76 -17.42 -3.22
N MET A 27 -9.54 -17.33 -2.13
CA MET A 27 -10.22 -16.09 -1.71
C MET A 27 -10.94 -15.31 -2.82
N GLU A 28 -11.50 -16.04 -3.79
CA GLU A 28 -12.06 -15.44 -5.01
C GLU A 28 -11.00 -14.67 -5.81
N GLY A 29 -10.19 -15.39 -6.56
CA GLY A 29 -9.26 -14.81 -7.52
C GLY A 29 -7.95 -14.26 -6.98
N CYS A 30 -7.46 -14.82 -5.88
CA CYS A 30 -6.12 -14.50 -5.37
C CYS A 30 -5.13 -15.51 -5.96
N THR A 31 -4.38 -15.06 -6.96
CA THR A 31 -3.41 -15.90 -7.68
C THR A 31 -1.98 -15.68 -7.16
N MET A 32 -1.77 -16.01 -5.88
CA MET A 32 -0.48 -15.86 -5.21
C MET A 32 -0.31 -16.91 -4.12
N SER A 33 0.89 -17.48 -4.01
CA SER A 33 1.15 -18.64 -3.15
C SER A 33 2.32 -18.41 -2.18
N PHE A 34 2.03 -18.41 -0.87
CA PHE A 34 3.05 -18.37 0.17
C PHE A 34 3.76 -19.71 0.29
N SER A 35 4.99 -19.72 0.83
CA SER A 35 5.81 -20.95 0.96
C SER A 35 5.85 -21.46 2.41
N SER A 36 4.67 -21.57 3.03
CA SER A 36 4.53 -22.02 4.42
C SER A 36 3.06 -22.05 4.83
N GLU A 37 2.73 -22.94 5.77
CA GLU A 37 1.38 -23.01 6.33
C GLU A 37 1.09 -21.78 7.21
N LYS A 38 2.09 -21.34 7.99
CA LYS A 38 1.96 -20.15 8.83
C LYS A 38 1.79 -18.88 7.98
N GLN A 39 2.55 -18.76 6.90
CA GLN A 39 2.48 -17.60 6.00
C GLN A 39 1.13 -17.47 5.31
N LEU A 40 0.65 -18.56 4.71
CA LEU A 40 -0.67 -18.58 4.04
C LEU A 40 -1.84 -18.43 5.04
N MET A 41 -1.66 -18.94 6.25
CA MET A 41 -2.64 -18.75 7.33
C MET A 41 -2.82 -17.26 7.69
N LEU A 42 -1.70 -16.53 7.73
CA LEU A 42 -1.72 -15.08 7.97
C LEU A 42 -2.31 -14.33 6.78
N HIS A 43 -1.84 -14.65 5.58
CA HIS A 43 -2.36 -14.05 4.35
C HIS A 43 -3.88 -14.16 4.27
N LYS A 44 -4.39 -15.37 4.53
CA LYS A 44 -5.82 -15.66 4.50
C LYS A 44 -6.66 -14.74 5.41
N ARG A 45 -6.11 -14.33 6.55
CA ARG A 45 -6.80 -13.44 7.49
C ARG A 45 -6.36 -11.95 7.40
N ASN A 46 -5.91 -11.52 6.21
CA ASN A 46 -5.55 -10.13 5.91
C ASN A 46 -4.38 -9.57 6.75
N ILE A 47 -3.31 -10.35 6.83
CA ILE A 47 -2.06 -9.91 7.47
C ILE A 47 -0.91 -10.18 6.51
N CYS A 48 0.00 -9.22 6.38
CA CYS A 48 1.18 -9.40 5.52
C CYS A 48 2.20 -10.29 6.24
N PRO A 49 2.45 -11.50 5.70
CA PRO A 49 3.35 -12.43 6.39
C PRO A 49 4.84 -12.07 6.29
N ILE A 50 5.23 -11.26 5.30
CA ILE A 50 6.64 -10.87 5.12
C ILE A 50 7.25 -10.47 6.47
N LYS A 51 8.47 -10.93 6.73
CA LYS A 51 9.11 -10.72 8.02
C LYS A 51 9.39 -9.23 8.21
N GLY A 52 9.06 -8.69 9.38
CA GLY A 52 9.23 -7.26 9.68
C GLY A 52 8.01 -6.38 9.40
N CYS A 53 7.04 -6.88 8.65
CA CYS A 53 5.82 -6.13 8.31
C CYS A 53 4.70 -6.44 9.32
N GLY A 54 3.91 -7.47 9.06
CA GLY A 54 2.86 -7.90 9.99
C GLY A 54 1.69 -6.92 10.12
N LYS A 55 1.42 -6.16 9.07
CA LYS A 55 0.35 -5.17 9.08
C LYS A 55 -0.98 -5.83 8.81
N ASN A 56 -2.01 -5.39 9.53
CA ASN A 56 -3.40 -5.76 9.24
C ASN A 56 -3.93 -4.91 8.11
N PHE A 57 -4.87 -5.44 7.33
CA PHE A 57 -5.48 -4.71 6.23
C PHE A 57 -6.99 -4.90 6.20
N PHE A 58 -7.70 -3.88 5.73
CA PHE A 58 -9.17 -3.93 5.65
C PHE A 58 -9.64 -4.80 4.46
N SER A 59 -9.00 -4.66 3.31
CA SER A 59 -9.34 -5.41 2.09
C SER A 59 -8.27 -6.45 1.78
N HIS A 60 -8.71 -7.67 1.44
CA HIS A 60 -7.82 -8.74 0.99
C HIS A 60 -7.22 -8.42 -0.39
N LYS A 61 -8.00 -7.76 -1.25
CA LYS A 61 -7.53 -7.39 -2.59
C LYS A 61 -6.38 -6.40 -2.53
N TYR A 62 -6.39 -5.52 -1.52
CA TYR A 62 -5.26 -4.58 -1.30
C TYR A 62 -4.00 -5.31 -0.81
N LEU A 63 -4.15 -6.36 0.00
CA LEU A 63 -3.01 -7.17 0.47
C LEU A 63 -2.05 -7.58 -0.66
N VAL A 64 -2.62 -7.87 -1.84
CA VAL A 64 -1.83 -8.13 -3.04
C VAL A 64 -1.17 -6.85 -3.57
N GLN A 65 -1.94 -5.76 -3.60
CA GLN A 65 -1.44 -4.44 -4.04
C GLN A 65 -0.36 -3.89 -3.08
N HIS A 66 -0.54 -4.16 -1.79
CA HIS A 66 0.43 -3.83 -0.75
C HIS A 66 1.82 -4.39 -0.98
N GLN A 67 1.90 -5.59 -1.57
CA GLN A 67 3.18 -6.28 -1.74
C GLN A 67 4.23 -5.49 -2.52
N ARG A 68 3.81 -4.48 -3.29
CA ARG A 68 4.75 -3.64 -4.04
C ARG A 68 5.72 -2.83 -3.17
N VAL A 69 5.34 -2.54 -1.91
CA VAL A 69 6.26 -1.87 -0.99
C VAL A 69 7.47 -2.75 -0.66
N HIS A 70 7.28 -4.06 -0.74
CA HIS A 70 8.36 -5.01 -0.51
C HIS A 70 9.22 -5.24 -1.76
N SER A 71 8.66 -5.06 -2.96
CA SER A 71 9.45 -5.11 -4.19
C SER A 71 10.21 -3.82 -4.39
N ASP A 72 11.40 -3.90 -4.96
CA ASP A 72 12.27 -2.73 -5.17
C ASP A 72 11.99 -2.01 -6.49
N ASP A 73 11.08 -2.53 -7.31
CA ASP A 73 10.82 -1.95 -8.63
C ASP A 73 9.79 -0.82 -8.58
N ARG A 74 9.97 0.14 -9.49
CA ARG A 74 9.21 1.38 -9.53
C ARG A 74 8.70 1.59 -10.97
N PRO A 75 7.57 0.95 -11.32
CA PRO A 75 7.06 0.97 -12.72
C PRO A 75 6.67 2.34 -13.27
N LEU A 76 6.00 3.15 -12.44
CA LEU A 76 5.48 4.45 -12.85
C LEU A 76 6.60 5.48 -12.99
N LYS A 77 6.56 6.25 -14.08
CA LYS A 77 7.59 7.23 -14.43
C LYS A 77 7.00 8.64 -14.47
N CYS A 78 7.83 9.65 -14.30
CA CYS A 78 7.43 11.03 -14.53
C CYS A 78 7.71 11.34 -16.00
N PRO A 79 6.72 11.90 -16.71
CA PRO A 79 6.88 12.17 -18.15
C PRO A 79 7.60 13.48 -18.52
N TRP A 80 8.02 14.30 -17.55
CA TRP A 80 8.76 15.53 -17.88
C TRP A 80 10.20 15.19 -18.34
N LYS A 81 10.70 15.99 -19.28
CA LYS A 81 11.91 15.65 -20.09
C LYS A 81 13.12 15.17 -19.27
N GLY A 82 13.69 16.06 -18.47
CA GLY A 82 14.90 15.73 -17.72
C GLY A 82 14.66 15.10 -16.36
N CYS A 83 13.41 14.77 -16.03
CA CYS A 83 13.04 14.30 -14.70
C CYS A 83 13.13 12.78 -14.59
N LYS A 84 14.01 12.30 -13.71
CA LYS A 84 14.25 10.85 -13.53
C LYS A 84 13.37 10.20 -12.46
N MET A 85 12.54 10.99 -11.75
CA MET A 85 11.68 10.47 -10.67
C MET A 85 10.85 9.26 -11.11
N THR A 86 10.70 8.31 -10.20
CA THR A 86 9.89 7.12 -10.43
C THR A 86 9.07 6.82 -9.18
N PHE A 87 8.02 6.03 -9.37
CA PHE A 87 7.04 5.77 -8.31
C PHE A 87 6.56 4.33 -8.35
N LYS A 88 6.06 3.89 -7.20
CA LYS A 88 5.33 2.64 -7.11
C LYS A 88 3.83 2.88 -7.10
N TRP A 89 3.41 4.09 -6.77
CA TRP A 89 2.00 4.43 -6.51
C TRP A 89 1.55 5.56 -7.42
N ALA A 90 0.33 5.42 -7.93
CA ALA A 90 -0.23 6.39 -8.88
C ALA A 90 -0.41 7.78 -8.27
N TRP A 91 -0.93 7.85 -7.05
CA TRP A 91 -1.16 9.15 -6.41
C TRP A 91 0.13 9.97 -6.29
N SER A 92 1.23 9.36 -5.87
CA SER A 92 2.52 10.06 -5.78
C SER A 92 2.89 10.72 -7.10
N ARG A 93 2.72 9.97 -8.19
CA ARG A 93 2.98 10.49 -9.55
C ARG A 93 2.10 11.70 -9.90
N THR A 94 0.81 11.59 -9.61
CA THR A 94 -0.16 12.64 -9.94
C THR A 94 0.21 13.97 -9.27
N GLU A 95 0.45 13.92 -7.97
CA GLU A 95 0.82 15.11 -7.20
C GLU A 95 2.22 15.61 -7.56
N HIS A 96 3.14 14.70 -7.84
CA HIS A 96 4.50 15.09 -8.27
C HIS A 96 4.50 15.92 -9.55
N ILE A 97 3.64 15.58 -10.49
CA ILE A 97 3.61 16.29 -11.77
C ILE A 97 3.33 17.78 -11.56
N ARG A 98 2.52 18.09 -10.54
CA ARG A 98 2.21 19.48 -10.20
C ARG A 98 3.44 20.34 -9.95
N VAL A 99 4.50 19.73 -9.40
CA VAL A 99 5.79 20.43 -9.23
C VAL A 99 6.26 21.04 -10.55
N HIS A 100 6.07 20.33 -11.66
CA HIS A 100 6.46 20.81 -12.99
C HIS A 100 5.46 21.83 -13.54
N THR A 101 4.16 21.51 -13.44
CA THR A 101 3.10 22.35 -14.00
C THR A 101 2.84 23.63 -13.19
N GLY A 102 3.18 23.61 -11.91
CA GLY A 102 2.88 24.72 -11.01
C GLY A 102 1.47 24.74 -10.45
N ALA A 103 0.60 23.82 -10.84
CA ALA A 103 -0.82 23.86 -10.46
C ALA A 103 -1.05 23.83 -8.93
N ARG A 104 -2.13 24.48 -8.50
CA ARG A 104 -2.53 24.53 -7.10
C ARG A 104 -4.04 24.23 -7.04
N PRO A 105 -4.44 23.00 -7.39
CA PRO A 105 -5.85 22.67 -7.57
C PRO A 105 -6.79 22.82 -6.38
N TYR A 106 -6.26 22.81 -5.15
CA TYR A 106 -7.12 22.83 -3.96
C TYR A 106 -7.38 24.27 -3.50
N VAL A 107 -8.66 24.62 -3.36
CA VAL A 107 -9.06 25.99 -3.01
C VAL A 107 -10.01 25.94 -1.81
N CYS A 108 -9.64 26.64 -0.73
CA CYS A 108 -10.48 26.65 0.48
C CYS A 108 -11.79 27.35 0.19
N ALA A 109 -12.89 26.65 0.44
CA ALA A 109 -14.23 27.17 0.14
C ALA A 109 -14.71 28.19 1.17
N GLU A 110 -14.10 28.21 2.36
CA GLU A 110 -14.46 29.17 3.40
C GLU A 110 -14.35 30.58 2.81
N PRO A 111 -15.37 31.44 3.02
CA PRO A 111 -15.43 32.71 2.23
C PRO A 111 -14.34 33.74 2.54
N ASP A 112 -14.01 33.91 3.81
CA ASP A 112 -12.93 34.82 4.21
C ASP A 112 -11.59 34.37 3.63
N CYS A 113 -11.25 33.11 3.91
CA CYS A 113 -10.01 32.47 3.43
C CYS A 113 -10.07 32.24 1.92
N GLY A 114 -8.97 32.48 1.22
CA GLY A 114 -8.90 32.21 -0.22
C GLY A 114 -7.67 31.40 -0.60
N GLN A 115 -7.21 30.56 0.34
CA GLN A 115 -5.91 29.92 0.19
C GLN A 115 -5.98 28.76 -0.80
N THR A 116 -4.94 28.68 -1.63
CA THR A 116 -4.75 27.56 -2.55
C THR A 116 -3.60 26.68 -2.09
N PHE A 117 -3.66 25.41 -2.50
CA PHE A 117 -2.66 24.42 -2.11
C PHE A 117 -2.32 23.55 -3.31
N ARG A 118 -1.06 23.12 -3.38
CA ARG A 118 -0.60 22.19 -4.41
C ARG A 118 -0.90 20.74 -4.08
N PHE A 119 -0.77 20.36 -2.82
CA PHE A 119 -0.87 18.95 -2.40
C PHE A 119 -2.01 18.76 -1.41
N VAL A 120 -2.71 17.63 -1.54
CA VAL A 120 -3.94 17.42 -0.76
C VAL A 120 -3.69 17.36 0.74
N SER A 121 -2.52 16.86 1.15
CA SER A 121 -2.21 16.72 2.57
C SER A 121 -2.05 18.07 3.26
N ASP A 122 -1.52 19.05 2.54
CA ASP A 122 -1.46 20.44 3.03
C ASP A 122 -2.86 21.04 3.17
N PHE A 123 -3.74 20.69 2.23
CA PHE A 123 -5.11 21.15 2.22
C PHE A 123 -5.91 20.53 3.35
N SER A 124 -5.73 19.23 3.58
CA SER A 124 -6.40 18.53 4.68
C SER A 124 -5.98 19.10 6.03
N ARG A 125 -4.71 19.46 6.13
CA ARG A 125 -4.15 19.98 7.36
C ARG A 125 -4.69 21.38 7.63
N HIS A 126 -4.74 22.22 6.60
CA HIS A 126 -5.33 23.55 6.75
C HIS A 126 -6.75 23.50 7.31
N LYS A 127 -7.56 22.60 6.76
CA LYS A 127 -8.95 22.45 7.19
C LYS A 127 -9.04 21.86 8.60
N ARG A 128 -8.17 20.93 8.92
CA ARG A 128 -8.17 20.31 10.25
C ARG A 128 -7.77 21.32 11.34
N LYS A 129 -6.84 22.22 11.03
CA LYS A 129 -6.38 23.23 11.99
C LYS A 129 -7.38 24.37 12.16
N THR A 130 -7.78 24.98 11.05
CA THR A 130 -8.66 26.14 11.08
C THR A 130 -10.15 25.80 11.30
N GLY A 131 -10.56 24.59 10.93
CA GLY A 131 -11.98 24.26 10.87
C GLY A 131 -12.70 24.84 9.66
N HIS A 132 -11.94 25.40 8.72
CA HIS A 132 -12.49 25.91 7.47
C HIS A 132 -13.04 24.75 6.66
N SER A 133 -14.15 24.98 5.96
CA SER A 133 -14.70 24.00 5.02
C SER A 133 -15.05 22.66 5.71
N VAL A 134 -15.40 22.71 7.00
CA VAL A 134 -15.60 21.51 7.83
C VAL A 134 -16.97 21.58 8.52
N LYS A 135 -17.58 20.40 8.72
CA LYS A 135 -18.94 20.22 9.27
C LYS A 135 -19.96 20.34 8.14
ZN ZN D . -5.18 -14.20 -1.12
ZN ZN E . 3.93 -6.07 4.10
ZN ZN F . 9.02 14.89 -12.55
ZN ZN G . -9.20 28.26 4.70
C1 GOL H . 2.62 11.66 14.29
O1 GOL H . 1.86 10.83 15.17
C2 GOL H . 4.11 11.57 14.62
O2 GOL H . 4.41 10.21 14.88
C3 GOL H . 5.00 12.09 13.48
O3 GOL H . 6.06 11.16 13.19
C1 GOL I . -8.50 17.05 -7.29
O1 GOL I . -7.38 16.85 -8.17
C2 GOL I . -9.53 17.95 -7.99
O2 GOL I . -10.19 18.80 -7.03
C3 GOL I . -10.55 17.11 -8.77
O3 GOL I . -11.41 16.35 -7.90
#